data_3QU6
#
_entry.id   3QU6
#
_cell.length_a   64.908
_cell.length_b   64.908
_cell.length_c   157.621
_cell.angle_alpha   90.00
_cell.angle_beta   90.00
_cell.angle_gamma   120.00
#
_symmetry.space_group_name_H-M   'P 32 2 1'
#
loop_
_entity.id
_entity.type
_entity.pdbx_description
1 polymer 'IRF3 protein'
2 non-polymer 'ZINC ION'
3 non-polymer 'CHLORIDE ION'
4 non-polymer 'SODIUM ION'
5 water water
#
_entity_poly.entity_id   1
_entity_poly.type   'polypeptide(L)'
_entity_poly.pdbx_seq_one_letter_code
;GSHMGTPKPRILPWLVSQLDLGQLEGVAWVNKSRTRFRIPWKHGLRQDAQQEDFGIFQAWAEATGAYVPGRDKPDLPTWK
RNFRSAMNRKEGLRLAEDRSKDPHDPHKIYEFVNSG
;
_entity_poly.pdbx_strand_id   A,B,C
#
loop_
_chem_comp.id
_chem_comp.type
_chem_comp.name
_chem_comp.formula
CL non-polymer 'CHLORIDE ION' 'Cl -1'
NA non-polymer 'SODIUM ION' 'Na 1'
ZN non-polymer 'ZINC ION' 'Zn 2'
#
# COMPACT_ATOMS: atom_id res chain seq x y z
CA LYS A 8 14.37 5.29 -14.58
C LYS A 8 14.68 4.43 -13.35
N PRO A 9 13.64 4.00 -12.61
CA PRO A 9 13.85 3.26 -11.37
C PRO A 9 14.27 1.83 -11.64
N ARG A 10 14.98 1.25 -10.68
CA ARG A 10 15.41 -0.13 -10.80
C ARG A 10 14.52 -0.99 -9.92
N ILE A 11 14.12 -2.13 -10.46
CA ILE A 11 13.12 -2.95 -9.84
C ILE A 11 13.47 -3.38 -8.41
N LEU A 12 14.72 -3.76 -8.17
CA LEU A 12 15.08 -4.30 -6.85
C LEU A 12 14.97 -3.32 -5.67
N PRO A 13 15.64 -2.17 -5.76
CA PRO A 13 15.54 -1.17 -4.67
C PRO A 13 14.11 -0.67 -4.51
N TRP A 14 13.41 -0.51 -5.63
CA TRP A 14 12.03 -0.03 -5.66
C TRP A 14 11.11 -1.05 -4.98
N LEU A 15 11.38 -2.32 -5.24
CA LEU A 15 10.56 -3.38 -4.70
C LEU A 15 10.78 -3.49 -3.20
N VAL A 16 12.04 -3.51 -2.79
CA VAL A 16 12.37 -3.60 -1.38
C VAL A 16 11.75 -2.44 -0.63
N SER A 17 11.71 -1.28 -1.27
CA SER A 17 11.12 -0.12 -0.62
C SER A 17 9.60 -0.29 -0.47
N GLN A 18 8.92 -0.69 -1.54
CA GLN A 18 7.47 -0.95 -1.49
C GLN A 18 7.13 -1.92 -0.35
N LEU A 19 7.99 -2.92 -0.16
CA LEU A 19 7.76 -3.96 0.82
C LEU A 19 8.01 -3.48 2.24
N ASP A 20 9.07 -2.69 2.44
CA ASP A 20 9.40 -2.12 3.77
C ASP A 20 8.29 -1.19 4.21
N LEU A 21 7.80 -0.38 3.28
CA LEU A 21 6.69 0.55 3.54
C LEU A 21 5.37 -0.16 3.88
N GLY A 22 5.09 -1.26 3.20
CA GLY A 22 3.93 -2.06 3.54
C GLY A 22 2.58 -1.42 3.26
N GLN A 23 2.53 -0.55 2.26
CA GLN A 23 1.30 0.15 1.91
C GLN A 23 0.44 -0.52 0.85
N LEU A 24 0.95 -1.58 0.24
CA LEU A 24 0.19 -2.27 -0.80
C LEU A 24 -0.44 -3.55 -0.23
N GLU A 25 -1.74 -3.65 -0.35
CA GLU A 25 -2.47 -4.77 0.20
C GLU A 25 -1.99 -6.09 -0.40
N GLY A 26 -1.63 -7.04 0.47
CA GLY A 26 -1.24 -8.37 0.06
C GLY A 26 0.21 -8.43 -0.36
N VAL A 27 0.86 -7.27 -0.51
CA VAL A 27 2.28 -7.22 -0.88
C VAL A 27 3.14 -7.11 0.37
N ALA A 28 3.82 -8.18 0.71
CA ALA A 28 4.45 -8.26 2.02
C ALA A 28 5.63 -9.22 2.06
N TRP A 29 6.60 -8.93 2.90
CA TRP A 29 7.60 -9.90 3.30
C TRP A 29 6.89 -11.07 3.98
N VAL A 30 7.32 -12.28 3.70
CA VAL A 30 6.80 -13.43 4.44
C VAL A 30 7.76 -14.11 5.42
N ASN A 31 9.00 -13.66 5.46
CA ASN A 31 9.92 -14.16 6.47
C ASN A 31 10.58 -13.04 7.27
N LYS A 32 11.13 -13.38 8.43
CA LYS A 32 11.62 -12.34 9.32
C LYS A 32 12.90 -11.71 8.79
N SER A 33 13.69 -12.49 8.05
CA SER A 33 14.93 -11.96 7.51
C SER A 33 14.70 -11.07 6.29
N ARG A 34 13.47 -11.07 5.76
CA ARG A 34 13.10 -10.24 4.62
C ARG A 34 13.92 -10.55 3.37
N THR A 35 14.09 -11.85 3.11
CA THR A 35 14.51 -12.31 1.80
C THR A 35 13.39 -12.90 0.93
N ARG A 36 12.19 -13.00 1.47
CA ARG A 36 11.09 -13.64 0.75
C ARG A 36 9.76 -12.87 0.88
N PHE A 37 9.06 -12.68 -0.24
CA PHE A 37 7.84 -11.88 -0.27
C PHE A 37 6.71 -12.36 -1.20
N ARG A 38 5.51 -11.85 -0.95
CA ARG A 38 4.28 -12.28 -1.61
C ARG A 38 3.78 -11.19 -2.51
N ILE A 39 3.33 -11.56 -3.70
CA ILE A 39 2.60 -10.68 -4.60
C ILE A 39 1.20 -11.26 -4.91
N PRO A 40 0.11 -10.55 -4.57
CA PRO A 40 -1.18 -11.14 -4.98
C PRO A 40 -1.23 -11.26 -6.50
N TRP A 41 -1.56 -12.42 -7.05
CA TRP A 41 -1.48 -12.61 -8.49
C TRP A 41 -2.64 -13.44 -9.07
N LYS A 42 -3.48 -12.82 -9.90
CA LYS A 42 -4.60 -13.58 -10.47
C LYS A 42 -4.54 -13.74 -12.00
N HIS A 43 -4.27 -14.95 -12.47
CA HIS A 43 -4.42 -15.30 -13.89
C HIS A 43 -5.78 -14.83 -14.43
N GLU A 52 -9.44 -1.26 -11.16
CA GLU A 52 -9.77 -1.12 -9.74
C GLU A 52 -8.76 -1.79 -8.82
N ASP A 53 -7.75 -2.43 -9.39
CA ASP A 53 -6.70 -3.09 -8.60
C ASP A 53 -5.93 -2.04 -7.79
N PHE A 54 -5.32 -1.10 -8.50
CA PHE A 54 -4.35 -0.17 -7.92
C PHE A 54 -3.25 -0.85 -7.08
N GLY A 55 -2.80 -2.01 -7.53
CA GLY A 55 -1.76 -2.77 -6.85
C GLY A 55 -0.37 -2.55 -7.43
N ILE A 56 0.53 -3.50 -7.18
CA ILE A 56 1.93 -3.33 -7.53
C ILE A 56 2.20 -3.26 -9.05
N PHE A 57 1.37 -3.93 -9.85
CA PHE A 57 1.55 -3.89 -11.31
C PHE A 57 1.36 -2.48 -11.83
N GLN A 58 0.31 -1.81 -11.39
CA GLN A 58 0.04 -0.48 -11.89
C GLN A 58 1.03 0.52 -11.26
N ALA A 59 1.36 0.31 -10.00
CA ALA A 59 2.34 1.14 -9.31
C ALA A 59 3.67 1.13 -10.05
N TRP A 60 4.13 -0.05 -10.45
CA TRP A 60 5.37 -0.21 -11.22
C TRP A 60 5.27 0.45 -12.61
N ALA A 61 4.12 0.35 -13.27
CA ALA A 61 3.88 0.99 -14.56
C ALA A 61 3.97 2.49 -14.45
N GLU A 62 3.43 3.02 -13.36
CA GLU A 62 3.50 4.46 -13.13
C GLU A 62 4.93 4.90 -12.80
N ALA A 63 5.62 4.12 -11.98
CA ALA A 63 7.00 4.46 -11.61
C ALA A 63 7.92 4.45 -12.84
N THR A 64 7.73 3.50 -13.75
CA THR A 64 8.54 3.40 -14.97
C THR A 64 8.03 4.27 -16.11
N GLY A 65 6.97 5.04 -15.89
CA GLY A 65 6.45 5.91 -16.93
C GLY A 65 5.68 5.19 -18.03
N ALA A 66 5.53 3.88 -17.91
CA ALA A 66 4.74 3.11 -18.88
C ALA A 66 3.24 3.41 -18.79
N TYR A 67 2.80 3.93 -17.65
CA TYR A 67 1.40 4.35 -17.50
C TYR A 67 1.29 5.72 -16.88
N VAL A 68 0.71 6.63 -17.64
CA VAL A 68 0.26 7.91 -17.15
C VAL A 68 -1.27 8.00 -17.24
N PRO A 69 -1.93 8.28 -16.11
CA PRO A 69 -3.40 8.31 -16.05
C PRO A 69 -3.95 9.32 -17.05
N GLY A 70 -4.96 8.93 -17.81
CA GLY A 70 -5.56 9.83 -18.79
C GLY A 70 -4.79 9.95 -20.11
N ARG A 71 -3.50 9.63 -20.10
CA ARG A 71 -2.72 9.56 -21.35
C ARG A 71 -2.89 8.20 -22.02
N ASP A 72 -2.86 7.17 -21.20
CA ASP A 72 -2.94 5.79 -21.67
C ASP A 72 -4.24 5.20 -21.16
N LYS A 73 -4.73 4.17 -21.84
CA LYS A 73 -5.88 3.42 -21.34
C LYS A 73 -5.37 2.35 -20.40
N PRO A 74 -6.13 2.05 -19.35
CA PRO A 74 -5.67 1.03 -18.39
C PRO A 74 -5.39 -0.30 -19.09
N ASP A 75 -4.20 -0.88 -18.91
CA ASP A 75 -3.95 -2.21 -19.44
C ASP A 75 -3.26 -3.12 -18.40
N LEU A 76 -4.06 -3.92 -17.71
CA LEU A 76 -3.53 -4.74 -16.62
C LEU A 76 -2.71 -5.96 -17.10
N PRO A 77 -3.19 -6.67 -18.12
CA PRO A 77 -2.43 -7.84 -18.56
C PRO A 77 -1.02 -7.43 -18.98
N THR A 78 -0.93 -6.28 -19.64
CA THR A 78 0.37 -5.74 -20.04
C THR A 78 1.19 -5.34 -18.82
N TRP A 79 0.56 -4.69 -17.85
CA TRP A 79 1.26 -4.31 -16.63
C TRP A 79 1.79 -5.55 -15.95
N LYS A 80 0.98 -6.61 -15.91
CA LYS A 80 1.43 -7.83 -15.28
C LYS A 80 2.55 -8.47 -16.07
N ARG A 81 2.55 -8.23 -17.39
CA ARG A 81 3.60 -8.80 -18.23
C ARG A 81 4.89 -8.00 -18.05
N ASN A 82 4.79 -6.69 -18.10
CA ASN A 82 5.98 -5.87 -17.93
C ASN A 82 6.65 -6.13 -16.59
N PHE A 83 5.83 -6.34 -15.57
CA PHE A 83 6.30 -6.54 -14.21
C PHE A 83 6.90 -7.93 -14.02
N ARG A 84 6.29 -8.94 -14.62
CA ARG A 84 6.88 -10.29 -14.59
C ARG A 84 8.24 -10.29 -15.30
N SER A 85 8.31 -9.59 -16.43
CA SER A 85 9.55 -9.49 -17.20
C SER A 85 10.67 -8.85 -16.39
N ALA A 86 10.37 -7.73 -15.72
CA ALA A 86 11.41 -7.02 -14.98
C ALA A 86 11.93 -7.83 -13.80
N MET A 87 11.05 -8.64 -13.22
CA MET A 87 11.41 -9.48 -12.09
C MET A 87 12.22 -10.74 -12.50
N ASN A 88 11.76 -11.43 -13.54
CA ASN A 88 12.41 -12.67 -13.96
C ASN A 88 13.84 -12.45 -14.48
N ARG A 89 14.12 -11.26 -14.97
CA ARG A 89 15.46 -10.89 -15.44
C ARG A 89 16.50 -10.70 -14.34
N LYS A 90 16.07 -10.41 -13.11
CA LYS A 90 17.01 -10.13 -12.04
C LYS A 90 17.69 -11.41 -11.57
N GLU A 91 19.02 -11.39 -11.53
CA GLU A 91 19.78 -12.59 -11.23
C GLU A 91 19.56 -13.10 -9.81
N GLY A 92 19.44 -12.18 -8.85
CA GLY A 92 19.29 -12.58 -7.46
C GLY A 92 17.85 -12.81 -7.01
N LEU A 93 16.92 -12.90 -7.96
CA LEU A 93 15.51 -13.16 -7.68
C LEU A 93 15.03 -14.47 -8.29
N ARG A 94 14.58 -15.38 -7.44
CA ARG A 94 14.01 -16.66 -7.86
C ARG A 94 12.49 -16.62 -7.60
N LEU A 95 11.71 -17.28 -8.46
CA LEU A 95 10.32 -17.56 -8.12
C LEU A 95 10.28 -18.78 -7.19
N ALA A 96 9.86 -18.57 -5.95
CA ALA A 96 9.82 -19.64 -4.98
C ALA A 96 8.52 -20.48 -5.06
N GLU A 97 7.41 -19.82 -5.36
CA GLU A 97 6.15 -20.54 -5.36
C GLU A 97 5.16 -19.90 -6.30
N ASP A 98 4.41 -20.71 -7.05
CA ASP A 98 3.32 -20.19 -7.89
C ASP A 98 1.97 -20.74 -7.42
N ARG A 99 1.21 -19.88 -6.75
CA ARG A 99 -0.15 -20.15 -6.32
C ARG A 99 -1.21 -19.40 -7.08
N SER A 100 -0.84 -18.80 -8.22
CA SER A 100 -1.70 -17.85 -8.93
C SER A 100 -3.02 -18.39 -9.49
N LYS A 101 -3.18 -19.71 -9.49
CA LYS A 101 -4.47 -20.28 -9.87
C LYS A 101 -5.40 -20.58 -8.68
N ASP A 102 -4.87 -20.50 -7.46
CA ASP A 102 -5.70 -20.72 -6.27
C ASP A 102 -6.92 -19.79 -6.19
N PRO A 103 -8.10 -20.37 -5.90
CA PRO A 103 -9.37 -19.65 -5.74
C PRO A 103 -9.47 -18.76 -4.50
N HIS A 104 -8.82 -19.14 -3.42
CA HIS A 104 -8.93 -18.37 -2.16
C HIS A 104 -8.10 -17.08 -2.13
N ASP A 105 -6.79 -17.21 -2.22
CA ASP A 105 -5.92 -16.04 -2.34
C ASP A 105 -4.79 -16.26 -3.35
N PRO A 106 -5.08 -16.00 -4.63
CA PRO A 106 -4.08 -16.25 -5.66
C PRO A 106 -2.83 -15.38 -5.47
N HIS A 107 -1.65 -16.00 -5.42
CA HIS A 107 -0.42 -15.26 -5.15
C HIS A 107 0.81 -15.95 -5.69
N LYS A 108 1.90 -15.18 -5.85
CA LYS A 108 3.24 -15.75 -6.05
C LYS A 108 4.19 -15.35 -4.91
N ILE A 109 5.11 -16.24 -4.59
CA ILE A 109 6.17 -15.93 -3.64
C ILE A 109 7.48 -15.82 -4.40
N TYR A 110 8.19 -14.71 -4.23
CA TYR A 110 9.56 -14.54 -4.73
C TYR A 110 10.59 -14.50 -3.63
N GLU A 111 11.80 -14.93 -3.96
CA GLU A 111 12.87 -15.00 -2.99
C GLU A 111 14.10 -14.28 -3.51
N PHE A 112 14.92 -13.77 -2.59
CA PHE A 112 16.24 -13.24 -2.90
C PHE A 112 17.23 -14.36 -2.66
N VAL A 113 18.06 -14.68 -3.66
CA VAL A 113 18.95 -15.84 -3.61
C VAL A 113 20.41 -15.52 -3.23
N LYS B 8 -13.22 -5.30 27.11
CA LYS B 8 -12.76 -6.39 26.25
C LYS B 8 -13.51 -6.36 24.92
N PRO B 9 -12.86 -5.89 23.85
CA PRO B 9 -13.44 -5.55 22.55
C PRO B 9 -14.09 -6.72 21.80
N ARG B 10 -14.96 -6.38 20.86
CA ARG B 10 -15.62 -7.35 20.01
C ARG B 10 -14.73 -7.69 18.81
N ILE B 11 -14.42 -8.98 18.65
CA ILE B 11 -13.46 -9.38 17.64
C ILE B 11 -13.79 -9.02 16.20
N LEU B 12 -15.06 -8.98 15.83
CA LEU B 12 -15.43 -8.70 14.43
C LEU B 12 -15.14 -7.27 13.96
N PRO B 13 -15.64 -6.26 14.70
CA PRO B 13 -15.28 -4.90 14.28
C PRO B 13 -13.77 -4.63 14.42
N TRP B 14 -13.12 -5.26 15.39
CA TRP B 14 -11.70 -5.03 15.64
C TRP B 14 -10.87 -5.54 14.46
N LEU B 15 -11.20 -6.76 14.03
CA LEU B 15 -10.52 -7.42 12.93
C LEU B 15 -10.75 -6.68 11.62
N VAL B 16 -11.99 -6.26 11.41
CA VAL B 16 -12.33 -5.58 10.18
C VAL B 16 -11.58 -4.26 10.12
N SER B 17 -11.31 -3.70 11.29
CA SER B 17 -10.58 -2.46 11.42
C SER B 17 -9.08 -2.67 11.21
N GLN B 18 -8.54 -3.76 11.74
CA GLN B 18 -7.15 -4.08 11.50
C GLN B 18 -6.92 -4.34 10.01
N LEU B 19 -7.90 -4.90 9.31
CA LEU B 19 -7.71 -5.21 7.89
C LEU B 19 -7.82 -3.97 7.02
N ASP B 20 -8.77 -3.11 7.31
CA ASP B 20 -8.95 -1.87 6.57
C ASP B 20 -7.76 -0.94 6.75
N LEU B 21 -7.14 -1.01 7.93
CA LEU B 21 -6.03 -0.14 8.28
C LEU B 21 -4.77 -0.62 7.55
N GLY B 22 -4.72 -1.93 7.35
CA GLY B 22 -3.64 -2.59 6.63
C GLY B 22 -2.26 -2.37 7.22
N GLN B 23 -2.16 -2.26 8.55
CA GLN B 23 -0.84 -2.08 9.17
C GLN B 23 -0.12 -3.33 9.69
N LEU B 24 -0.81 -4.48 9.73
CA LEU B 24 -0.15 -5.72 10.13
C LEU B 24 0.36 -6.47 8.89
N GLU B 25 1.65 -6.79 8.88
CA GLU B 25 2.28 -7.42 7.72
C GLU B 25 1.65 -8.79 7.41
N GLY B 26 1.21 -8.96 6.17
CA GLY B 26 0.59 -10.19 5.73
C GLY B 26 -0.85 -10.40 6.14
N VAL B 27 -1.37 -9.54 7.01
CA VAL B 27 -2.78 -9.62 7.40
C VAL B 27 -3.55 -8.69 6.51
N ALA B 28 -4.33 -9.24 5.58
CA ALA B 28 -4.85 -8.45 4.48
C ALA B 28 -6.13 -9.01 3.89
N TRP B 29 -6.98 -8.12 3.38
CA TRP B 29 -8.12 -8.51 2.57
C TRP B 29 -7.56 -9.17 1.32
N VAL B 30 -8.12 -10.31 0.92
CA VAL B 30 -7.74 -10.95 -0.34
C VAL B 30 -8.72 -10.80 -1.51
N ASN B 31 -9.88 -10.20 -1.26
CA ASN B 31 -10.86 -9.98 -2.34
C ASN B 31 -11.41 -8.56 -2.39
N LYS B 32 -11.94 -8.19 -3.55
CA LYS B 32 -12.29 -6.80 -3.81
C LYS B 32 -13.47 -6.32 -2.97
N SER B 33 -14.28 -7.26 -2.52
CA SER B 33 -15.46 -6.91 -1.74
C SER B 33 -15.17 -6.87 -0.25
N ARG B 34 -13.97 -7.34 0.12
CA ARG B 34 -13.52 -7.34 1.51
C ARG B 34 -14.40 -8.21 2.38
N THR B 35 -14.76 -9.38 1.87
CA THR B 35 -15.31 -10.43 2.71
C THR B 35 -14.36 -11.57 3.05
N ARG B 36 -13.14 -11.56 2.49
CA ARG B 36 -12.23 -12.71 2.67
C ARG B 36 -10.82 -12.23 3.04
N PHE B 37 -10.12 -12.93 3.92
CA PHE B 37 -8.86 -12.38 4.39
C PHE B 37 -7.77 -13.36 4.85
N ARG B 38 -6.53 -12.89 4.79
CA ARG B 38 -5.35 -13.70 5.05
C ARG B 38 -4.75 -13.41 6.42
N ILE B 39 -4.43 -14.47 7.14
CA ILE B 39 -3.65 -14.36 8.34
C ILE B 39 -2.34 -15.18 8.29
N PRO B 40 -1.17 -14.52 8.36
CA PRO B 40 0.04 -15.34 8.47
C PRO B 40 -0.15 -16.27 9.64
N TRP B 41 0.04 -17.58 9.43
CA TRP B 41 -0.13 -18.54 10.51
C TRP B 41 0.82 -19.73 10.37
N LYS B 42 1.75 -19.90 11.29
CA LYS B 42 2.62 -21.08 11.30
C LYS B 42 2.00 -22.29 12.03
N HIS B 43 2.41 -23.50 11.65
CA HIS B 43 2.02 -24.73 12.34
C HIS B 43 0.52 -24.82 12.58
N GLU B 52 9.14 -11.91 18.69
CA GLU B 52 9.54 -11.07 17.56
C GLU B 52 8.46 -10.94 16.47
N ASP B 53 7.37 -11.69 16.60
CA ASP B 53 6.29 -11.64 15.61
C ASP B 53 5.64 -10.25 15.55
N PHE B 54 5.13 -9.79 16.68
CA PHE B 54 4.40 -8.53 16.74
C PHE B 54 3.31 -8.43 15.68
N GLY B 55 2.64 -9.56 15.44
CA GLY B 55 1.52 -9.60 14.51
C GLY B 55 0.14 -9.60 15.19
N ILE B 56 -0.81 -10.21 14.50
CA ILE B 56 -2.22 -10.17 14.89
C ILE B 56 -2.55 -10.89 16.20
N PHE B 57 -1.88 -12.01 16.48
CA PHE B 57 -2.12 -12.75 17.72
C PHE B 57 -1.78 -11.90 18.94
N GLN B 58 -0.58 -11.32 18.97
CA GLN B 58 -0.18 -10.49 20.09
C GLN B 58 -1.03 -9.20 20.18
N ALA B 59 -1.36 -8.64 19.02
CA ALA B 59 -2.19 -7.43 18.97
C ALA B 59 -3.55 -7.66 19.60
N TRP B 60 -4.13 -8.82 19.35
CA TRP B 60 -5.43 -9.16 19.95
C TRP B 60 -5.28 -9.43 21.46
N ALA B 61 -4.18 -10.07 21.83
CA ALA B 61 -3.91 -10.35 23.22
C ALA B 61 -3.72 -9.06 23.99
N GLU B 62 -3.21 -8.03 23.34
CA GLU B 62 -3.01 -6.74 24.02
C GLU B 62 -4.33 -6.02 24.13
N ALA B 63 -5.11 -6.09 23.07
CA ALA B 63 -6.38 -5.38 23.01
C ALA B 63 -7.35 -5.89 24.06
N THR B 64 -7.21 -7.18 24.41
CA THR B 64 -8.10 -7.82 25.35
C THR B 64 -7.58 -7.91 26.79
N GLY B 65 -6.36 -7.44 27.01
CA GLY B 65 -5.78 -7.45 28.34
C GLY B 65 -5.07 -8.75 28.70
N ALA B 66 -5.16 -9.76 27.84
CA ALA B 66 -4.49 -11.03 28.12
C ALA B 66 -2.98 -10.87 28.12
N TYR B 67 -2.51 -9.79 27.51
CA TYR B 67 -1.07 -9.54 27.50
C TYR B 67 -0.75 -8.10 27.83
N VAL B 68 0.02 -7.95 28.89
CA VAL B 68 0.69 -6.69 29.25
C VAL B 68 2.18 -6.93 29.25
N PRO B 69 2.92 -6.19 28.42
CA PRO B 69 4.37 -6.46 28.36
C PRO B 69 4.95 -6.24 29.75
N GLY B 70 5.94 -7.05 30.11
CA GLY B 70 6.68 -6.87 31.35
C GLY B 70 6.03 -7.56 32.52
N ARG B 71 4.70 -7.69 32.47
CA ARG B 71 3.99 -8.45 33.49
C ARG B 71 4.06 -9.90 33.08
N ASP B 72 3.36 -10.21 31.98
CA ASP B 72 3.34 -11.56 31.44
C ASP B 72 4.59 -11.91 30.62
N LYS B 73 4.89 -13.20 30.56
CA LYS B 73 5.91 -13.67 29.64
C LYS B 73 5.24 -13.81 28.26
N PRO B 74 5.98 -13.52 27.19
CA PRO B 74 5.38 -13.75 25.87
C PRO B 74 4.95 -15.20 25.73
N ASP B 75 3.70 -15.44 25.32
CA ASP B 75 3.33 -16.79 24.93
C ASP B 75 2.52 -16.83 23.62
N LEU B 76 3.20 -17.11 22.51
CA LEU B 76 2.55 -17.08 21.19
C LEU B 76 1.55 -18.22 20.97
N PRO B 77 1.92 -19.44 21.41
CA PRO B 77 1.00 -20.58 21.32
C PRO B 77 -0.34 -20.26 21.94
N THR B 78 -0.35 -19.71 23.15
CA THR B 78 -1.61 -19.35 23.81
C THR B 78 -2.33 -18.23 23.09
N TRP B 79 -1.58 -17.25 22.57
CA TRP B 79 -2.23 -16.13 21.87
C TRP B 79 -2.93 -16.63 20.62
N LYS B 80 -2.29 -17.55 19.90
CA LYS B 80 -2.93 -18.15 18.72
C LYS B 80 -4.17 -18.90 19.17
N ARG B 81 -4.03 -19.69 20.22
CA ARG B 81 -5.14 -20.47 20.75
C ARG B 81 -6.35 -19.58 21.02
N ASN B 82 -6.16 -18.53 21.79
CA ASN B 82 -7.27 -17.66 22.18
C ASN B 82 -7.82 -16.90 20.99
N PHE B 83 -6.97 -16.65 20.01
CA PHE B 83 -7.41 -15.92 18.84
C PHE B 83 -8.30 -16.83 18.01
N ARG B 84 -7.82 -18.05 17.77
CA ARG B 84 -8.59 -19.04 17.02
C ARG B 84 -10.00 -19.15 17.63
N SER B 85 -10.03 -19.38 18.94
CA SER B 85 -11.28 -19.55 19.68
C SER B 85 -12.22 -18.35 19.61
N ALA B 86 -11.67 -17.15 19.65
CA ALA B 86 -12.52 -15.98 19.66
C ALA B 86 -13.20 -15.82 18.28
N MET B 87 -12.55 -16.26 17.23
CA MET B 87 -13.15 -16.27 15.89
C MET B 87 -14.13 -17.45 15.74
N ASN B 88 -13.72 -18.62 16.21
CA ASN B 88 -14.58 -19.82 16.17
C ASN B 88 -15.96 -19.55 16.73
N ARG B 89 -16.02 -18.77 17.81
CA ARG B 89 -17.28 -18.40 18.46
C ARG B 89 -18.13 -17.47 17.61
N LYS B 90 -17.51 -16.77 16.66
CA LYS B 90 -18.26 -15.92 15.76
C LYS B 90 -18.74 -16.73 14.56
N GLU B 91 -20.04 -16.67 14.31
CA GLU B 91 -20.70 -17.56 13.38
C GLU B 91 -20.51 -17.15 11.94
N GLY B 92 -20.49 -15.85 11.70
CA GLY B 92 -20.34 -15.32 10.36
C GLY B 92 -18.93 -15.49 9.81
N LEU B 93 -18.06 -16.14 10.57
CA LEU B 93 -16.68 -16.38 10.14
C LEU B 93 -16.43 -17.84 9.88
N ARG B 94 -16.01 -18.16 8.65
CA ARG B 94 -15.64 -19.52 8.30
C ARG B 94 -14.16 -19.57 7.89
N LEU B 95 -13.48 -20.66 8.25
CA LEU B 95 -12.14 -20.91 7.75
C LEU B 95 -12.26 -21.45 6.34
N ALA B 96 -11.79 -20.68 5.37
CA ALA B 96 -11.84 -21.05 3.96
C ALA B 96 -10.67 -21.94 3.50
N GLU B 97 -9.49 -21.73 4.06
CA GLU B 97 -8.34 -22.51 3.62
C GLU B 97 -7.29 -22.62 4.70
N ASP B 98 -6.69 -23.78 4.87
CA ASP B 98 -5.59 -23.89 5.83
C ASP B 98 -4.27 -24.22 5.11
N ARG B 99 -3.43 -23.21 4.97
CA ARG B 99 -2.06 -23.32 4.44
C ARG B 99 -0.96 -23.24 5.47
N SER B 100 -1.33 -23.39 6.73
CA SER B 100 -0.42 -23.24 7.86
C SER B 100 0.79 -24.17 7.87
N LYS B 101 0.80 -25.18 7.00
CA LYS B 101 1.96 -26.06 6.90
C LYS B 101 2.91 -25.70 5.76
N ASP B 102 2.55 -24.69 4.97
CA ASP B 102 3.38 -24.32 3.83
C ASP B 102 4.61 -23.53 4.22
N PRO B 103 5.79 -23.99 3.78
CA PRO B 103 7.12 -23.49 4.16
C PRO B 103 7.49 -22.13 3.53
N HIS B 104 6.80 -21.74 2.47
CA HIS B 104 7.05 -20.46 1.81
C HIS B 104 6.34 -19.30 2.50
N ASP B 105 5.02 -19.38 2.61
CA ASP B 105 4.27 -18.37 3.32
C ASP B 105 3.07 -18.96 4.09
N PRO B 106 3.33 -19.57 5.25
CA PRO B 106 2.24 -20.18 6.03
C PRO B 106 1.15 -19.16 6.35
N HIS B 107 -0.09 -19.52 6.04
CA HIS B 107 -1.20 -18.62 6.27
C HIS B 107 -2.51 -19.38 6.37
N LYS B 108 -3.54 -18.72 6.87
CA LYS B 108 -4.90 -19.18 6.75
C LYS B 108 -5.73 -18.09 6.10
N ILE B 109 -6.81 -18.51 5.42
CA ILE B 109 -7.75 -17.61 4.84
C ILE B 109 -9.06 -17.85 5.57
N TYR B 110 -9.74 -16.77 5.93
CA TYR B 110 -11.07 -16.82 6.53
C TYR B 110 -12.06 -16.04 5.67
N GLU B 111 -13.33 -16.29 5.87
CA GLU B 111 -14.35 -15.75 5.00
C GLU B 111 -15.46 -15.22 5.91
N PHE B 112 -16.07 -14.12 5.50
CA PHE B 112 -17.30 -13.64 6.14
C PHE B 112 -18.49 -14.20 5.38
N VAL B 113 -19.29 -15.03 6.05
CA VAL B 113 -20.43 -15.68 5.43
C VAL B 113 -21.75 -15.05 5.86
N LYS C 8 16.56 14.06 -10.62
CA LYS C 8 15.44 15.01 -10.65
C LYS C 8 14.12 14.30 -10.96
N PRO C 9 13.20 14.26 -9.97
CA PRO C 9 11.92 13.53 -10.10
C PRO C 9 11.06 14.15 -11.18
N ARG C 10 10.26 13.33 -11.87
CA ARG C 10 9.31 13.83 -12.85
C ARG C 10 7.93 14.09 -12.24
N ILE C 11 7.37 15.27 -12.52
CA ILE C 11 6.14 15.72 -11.84
C ILE C 11 4.97 14.74 -11.85
N LEU C 12 4.69 14.14 -12.99
CA LEU C 12 3.50 13.27 -13.10
C LEU C 12 3.59 11.97 -12.30
N PRO C 13 4.69 11.22 -12.46
CA PRO C 13 4.86 10.02 -11.64
C PRO C 13 4.96 10.34 -10.15
N TRP C 14 5.66 11.42 -9.81
CA TRP C 14 5.78 11.81 -8.41
C TRP C 14 4.39 12.14 -7.88
N LEU C 15 3.65 12.95 -8.62
CA LEU C 15 2.30 13.31 -8.20
C LEU C 15 1.47 12.09 -7.91
N VAL C 16 1.49 11.15 -8.85
CA VAL C 16 0.67 9.96 -8.76
C VAL C 16 1.07 9.16 -7.55
N SER C 17 2.34 9.20 -7.21
CA SER C 17 2.89 8.43 -6.11
C SER C 17 2.48 9.04 -4.77
N GLN C 18 2.55 10.36 -4.67
CA GLN C 18 2.07 11.08 -3.50
C GLN C 18 0.58 10.85 -3.29
N LEU C 19 -0.17 10.76 -4.37
CA LEU C 19 -1.62 10.62 -4.27
C LEU C 19 -2.03 9.20 -3.91
N ASP C 20 -1.27 8.22 -4.40
CA ASP C 20 -1.50 6.81 -4.06
C ASP C 20 -1.08 6.52 -2.62
N LEU C 21 -0.02 7.19 -2.18
CA LEU C 21 0.45 7.06 -0.82
C LEU C 21 -0.58 7.64 0.16
N GLY C 22 -1.06 8.85 -0.11
CA GLY C 22 -2.05 9.51 0.73
C GLY C 22 -1.63 9.95 2.13
N GLN C 23 -0.38 10.37 2.29
CA GLN C 23 0.13 10.83 3.57
C GLN C 23 0.05 12.34 3.75
N LEU C 24 -0.44 13.05 2.72
CA LEU C 24 -0.51 14.51 2.77
C LEU C 24 -1.94 14.94 3.00
N GLU C 25 -2.15 15.73 4.06
CA GLU C 25 -3.48 16.11 4.49
C GLU C 25 -4.18 16.88 3.37
N GLY C 26 -5.35 16.40 2.95
CA GLY C 26 -6.12 17.06 1.90
C GLY C 26 -5.68 16.86 0.46
N VAL C 27 -4.53 16.23 0.24
CA VAL C 27 -4.09 15.89 -1.10
C VAL C 27 -4.59 14.47 -1.41
N ALA C 28 -5.59 14.38 -2.28
CA ALA C 28 -6.31 13.14 -2.42
C ALA C 28 -6.95 12.96 -3.80
N TRP C 29 -7.12 11.71 -4.20
CA TRP C 29 -7.88 11.38 -5.38
C TRP C 29 -9.34 11.67 -5.09
N VAL C 30 -10.02 12.36 -5.99
CA VAL C 30 -11.46 12.61 -5.84
C VAL C 30 -12.36 11.72 -6.67
N ASN C 31 -11.78 10.77 -7.41
CA ASN C 31 -12.60 9.88 -8.20
C ASN C 31 -12.13 8.42 -8.19
N LYS C 32 -13.04 7.50 -8.45
CA LYS C 32 -12.73 6.09 -8.34
C LYS C 32 -11.65 5.66 -9.33
N SER C 33 -11.70 6.22 -10.53
CA SER C 33 -10.78 5.85 -11.60
C SER C 33 -9.37 6.38 -11.36
N ARG C 34 -9.26 7.31 -10.41
CA ARG C 34 -7.99 7.95 -10.07
C ARG C 34 -7.39 8.74 -11.21
N THR C 35 -8.24 9.45 -11.94
CA THR C 35 -7.77 10.45 -12.89
C THR C 35 -7.90 11.91 -12.43
N ARG C 36 -8.51 12.15 -11.29
CA ARG C 36 -8.74 13.52 -10.85
C ARG C 36 -8.47 13.67 -9.36
N PHE C 37 -7.86 14.78 -8.96
CA PHE C 37 -7.46 14.94 -7.56
C PHE C 37 -7.57 16.35 -6.98
N ARG C 38 -7.45 16.41 -5.66
CA ARG C 38 -7.61 17.63 -4.88
C ARG C 38 -6.29 18.06 -4.26
N ILE C 39 -5.96 19.35 -4.38
CA ILE C 39 -4.86 19.98 -3.65
C ILE C 39 -5.33 21.15 -2.76
N PRO C 40 -5.11 21.06 -1.43
CA PRO C 40 -5.46 22.26 -0.65
C PRO C 40 -4.62 23.45 -1.10
N TRP C 41 -5.28 24.56 -1.45
CA TRP C 41 -4.60 25.74 -1.98
C TRP C 41 -5.27 27.00 -1.42
N LYS C 42 -4.55 27.82 -0.64
CA LYS C 42 -5.22 28.96 0.02
C LYS C 42 -5.51 30.13 -0.92
N GLU C 52 5.54 25.13 9.20
CA GLU C 52 4.42 25.75 8.51
C GLU C 52 3.43 24.68 8.04
N ASP C 53 2.93 24.82 6.81
CA ASP C 53 1.96 23.88 6.21
C ASP C 53 2.46 22.44 6.02
N PHE C 54 3.72 22.31 5.58
CA PHE C 54 4.31 21.02 5.23
C PHE C 54 3.43 20.21 4.27
N GLY C 55 2.86 20.92 3.29
CA GLY C 55 2.03 20.29 2.28
C GLY C 55 2.83 19.95 1.04
N ILE C 56 2.13 19.70 -0.06
CA ILE C 56 2.76 19.20 -1.28
C ILE C 56 3.78 20.18 -1.89
N PHE C 57 3.58 21.47 -1.65
CA PHE C 57 4.49 22.49 -2.21
C PHE C 57 5.90 22.41 -1.66
N GLN C 58 6.02 22.37 -0.34
CA GLN C 58 7.34 22.21 0.23
C GLN C 58 7.89 20.82 -0.08
N ALA C 59 7.00 19.83 -0.16
CA ALA C 59 7.45 18.47 -0.42
C ALA C 59 8.09 18.42 -1.81
N TRP C 60 7.47 19.10 -2.76
CA TRP C 60 8.02 19.19 -4.11
C TRP C 60 9.36 19.93 -4.15
N ALA C 61 9.43 21.08 -3.47
CA ALA C 61 10.67 21.84 -3.37
C ALA C 61 11.80 21.02 -2.78
N GLU C 62 11.47 20.08 -1.91
CA GLU C 62 12.52 19.31 -1.28
C GLU C 62 13.01 18.27 -2.25
N ALA C 63 12.09 17.61 -2.92
CA ALA C 63 12.43 16.50 -3.81
C ALA C 63 13.22 17.01 -5.02
N THR C 64 12.92 18.23 -5.46
CA THR C 64 13.64 18.84 -6.58
C THR C 64 14.89 19.63 -6.17
N GLY C 65 15.09 19.81 -4.87
CA GLY C 65 16.28 20.50 -4.39
C GLY C 65 16.21 22.02 -4.33
N ALA C 66 15.08 22.59 -4.73
CA ALA C 66 14.82 24.01 -4.57
C ALA C 66 14.93 24.43 -3.11
N TYR C 67 14.58 23.53 -2.20
CA TYR C 67 14.57 23.88 -0.77
C TYR C 67 15.28 22.86 0.10
N VAL C 68 16.34 23.31 0.77
CA VAL C 68 16.99 22.51 1.79
C VAL C 68 16.75 23.12 3.17
N PRO C 69 16.17 22.31 4.08
CA PRO C 69 15.87 22.83 5.43
C PRO C 69 17.13 23.48 5.98
N GLY C 70 16.97 24.69 6.51
CA GLY C 70 18.03 25.37 7.24
C GLY C 70 18.99 26.14 6.35
N ARG C 71 19.08 25.76 5.08
CA ARG C 71 19.84 26.53 4.08
C ARG C 71 19.01 27.69 3.53
N ASP C 72 17.72 27.45 3.34
CA ASP C 72 16.87 28.42 2.68
C ASP C 72 15.76 28.89 3.61
N LYS C 73 15.42 30.17 3.51
CA LYS C 73 14.26 30.68 4.21
C LYS C 73 13.04 30.08 3.54
N PRO C 74 12.13 29.52 4.34
CA PRO C 74 10.92 28.99 3.72
C PRO C 74 10.26 30.07 2.88
N ASP C 75 9.92 29.78 1.63
CA ASP C 75 9.08 30.69 0.87
C ASP C 75 7.90 29.93 0.28
N LEU C 76 6.72 30.12 0.83
CA LEU C 76 5.57 29.38 0.33
C LEU C 76 5.18 29.88 -1.06
N PRO C 77 5.12 31.22 -1.26
CA PRO C 77 4.71 31.79 -2.57
C PRO C 77 5.49 31.23 -3.76
N THR C 78 6.81 31.15 -3.62
CA THR C 78 7.69 30.63 -4.65
C THR C 78 7.50 29.13 -4.87
N TRP C 79 7.33 28.40 -3.76
CA TRP C 79 7.05 26.98 -3.82
C TRP C 79 5.80 26.73 -4.64
N LYS C 80 4.72 27.43 -4.29
CA LYS C 80 3.47 27.38 -5.05
C LYS C 80 3.65 27.72 -6.54
N ARG C 81 4.41 28.78 -6.83
N ARG C 81 4.43 28.76 -6.82
CA ARG C 81 4.72 29.15 -8.21
CA ARG C 81 4.73 29.19 -8.19
C ARG C 81 5.46 28.03 -8.92
C ARG C 81 5.51 28.12 -8.95
N ASN C 82 6.60 27.63 -8.36
CA ASN C 82 7.41 26.58 -8.95
C ASN C 82 6.64 25.24 -9.13
N PHE C 83 5.73 24.94 -8.21
CA PHE C 83 4.94 23.72 -8.33
C PHE C 83 3.92 23.83 -9.47
N ARG C 84 3.24 24.97 -9.56
CA ARG C 84 2.28 25.19 -10.63
C ARG C 84 3.00 25.17 -11.97
N SER C 85 4.14 25.85 -12.02
CA SER C 85 4.97 25.87 -13.20
C SER C 85 5.37 24.45 -13.64
N ALA C 86 5.85 23.63 -12.71
CA ALA C 86 6.24 22.25 -13.03
C ALA C 86 5.08 21.39 -13.53
N MET C 87 3.88 21.63 -13.01
CA MET C 87 2.70 20.90 -13.46
C MET C 87 2.34 21.31 -14.88
N ASN C 88 2.64 22.56 -15.24
CA ASN C 88 2.33 23.10 -16.56
C ASN C 88 3.45 23.00 -17.61
N ARG C 89 4.65 22.64 -17.19
CA ARG C 89 5.80 22.60 -18.11
C ARG C 89 5.49 21.72 -19.32
N LYS C 90 4.80 20.62 -19.07
CA LYS C 90 4.42 19.74 -20.15
C LYS C 90 2.95 19.39 -20.01
N GLU C 91 2.38 18.90 -21.10
CA GLU C 91 0.96 18.60 -21.20
C GLU C 91 0.54 17.46 -20.26
N GLY C 92 -0.76 17.36 -20.06
CA GLY C 92 -1.36 16.22 -19.36
C GLY C 92 -2.03 16.45 -18.03
N LEU C 93 -1.86 17.62 -17.44
CA LEU C 93 -2.73 18.04 -16.34
C LEU C 93 -3.62 19.19 -16.78
N ARG C 94 -4.90 19.10 -16.44
CA ARG C 94 -5.86 20.16 -16.75
C ARG C 94 -6.51 20.64 -15.44
N LEU C 95 -6.51 21.95 -15.20
CA LEU C 95 -7.14 22.41 -13.96
C LEU C 95 -8.65 22.42 -14.17
N ALA C 96 -9.36 21.57 -13.43
CA ALA C 96 -10.81 21.49 -13.58
C ALA C 96 -11.65 22.33 -12.61
N GLU C 97 -11.04 22.83 -11.54
CA GLU C 97 -11.77 23.67 -10.59
C GLU C 97 -10.84 24.63 -9.85
N ASP C 98 -11.27 25.86 -9.58
CA ASP C 98 -10.49 26.67 -8.66
C ASP C 98 -11.43 27.18 -7.57
N ARG C 99 -11.24 26.60 -6.39
CA ARG C 99 -11.83 26.99 -5.12
C ARG C 99 -10.88 27.78 -4.24
N SER C 100 -9.75 28.16 -4.82
CA SER C 100 -8.63 28.72 -4.06
C SER C 100 -9.00 29.87 -3.13
N LYS C 101 -10.11 30.56 -3.39
CA LYS C 101 -10.50 31.67 -2.50
C LYS C 101 -11.55 31.34 -1.43
N ASP C 102 -12.03 30.10 -1.41
CA ASP C 102 -13.05 29.66 -0.46
C ASP C 102 -12.61 29.72 1.01
N PRO C 103 -13.47 30.27 1.87
CA PRO C 103 -13.23 30.43 3.32
C PRO C 103 -13.22 29.12 4.12
N HIS C 104 -13.96 28.11 3.65
CA HIS C 104 -14.15 26.86 4.39
C HIS C 104 -13.00 25.85 4.20
N ASP C 105 -12.84 25.38 2.97
CA ASP C 105 -11.73 24.53 2.60
C ASP C 105 -11.20 24.94 1.24
N PRO C 106 -10.31 25.94 1.21
CA PRO C 106 -9.75 26.37 -0.07
C PRO C 106 -8.95 25.26 -0.77
N HIS C 107 -9.26 25.00 -2.05
CA HIS C 107 -8.60 23.95 -2.83
C HIS C 107 -8.66 24.18 -4.35
N LYS C 108 -7.73 23.56 -5.08
CA LYS C 108 -7.87 23.42 -6.53
C LYS C 108 -8.10 21.94 -6.89
N ILE C 109 -8.85 21.70 -7.95
CA ILE C 109 -9.05 20.33 -8.43
C ILE C 109 -8.37 20.13 -9.78
N TYR C 110 -7.51 19.11 -9.87
CA TYR C 110 -6.80 18.82 -11.13
C TYR C 110 -7.20 17.50 -11.81
N GLU C 111 -7.07 17.48 -13.14
CA GLU C 111 -7.42 16.30 -13.89
C GLU C 111 -6.31 15.93 -14.86
N PHE C 112 -5.94 14.65 -14.86
CA PHE C 112 -4.99 14.09 -15.81
C PHE C 112 -5.74 13.88 -17.11
N VAL C 113 -5.31 14.53 -18.18
CA VAL C 113 -6.03 14.45 -19.45
C VAL C 113 -5.15 13.94 -20.58
ZN ZN D . -1.27 4.45 -9.02
ZN ZN E . 14.80 -2.75 3.80
ZN ZN F . -6.99 -22.25 -1.90
ZN ZN G . 2.02 -19.27 -0.85
CL CL H . -2.84 -20.40 -1.24
CL CL I . 15.42 -1.99 5.91
CL CL J . -6.47 -24.15 -1.28
NA NA K . -0.20 -7.28 3.50
NA NA L . -2.37 -3.46 -10.32
CL CL M . -1.69 2.22 -8.64
ZN ZN N . -3.89 -19.30 0.50
ZN ZN O . 4.67 -23.18 -0.74
CL CL P . 0.80 -21.04 0.05
NA NA Q . 1.64 -12.23 16.91
ZN ZN R . 9.25 18.32 4.15
ZN ZN S . -13.92 21.37 -5.26
ZN ZN T . -17.12 22.01 -8.97
CL CL U . 7.32 19.07 3.79
CL CL V . -16.06 22.44 -4.48
#